data_5SLX
#
_entry.id   5SLX
#
_cell.length_a   68.044
_cell.length_b   68.115
_cell.length_c   138.325
_cell.angle_alpha   90.000
_cell.angle_beta   90.000
_cell.angle_gamma   90.000
#
_symmetry.space_group_name_H-M   'P 21 21 21'
#
loop_
_entity.id
_entity.type
_entity.pdbx_description
1 polymer 'Proofreading exoribonuclease nsp14'
2 non-polymer 'ZINC ION'
3 non-polymer 'PHOSPHATE ION'
4 non-polymer 2-[(4-aminophenyl)(ethyl)amino]ethan-1-ol
5 water water
#
_entity_poly.entity_id   1
_entity_poly.type   'polypeptide(L)'
_entity_poly.pdbx_seq_one_letter_code
;SMLFKDCSKVITGLHPTQAPTHLSVDTKFKTEGLCVDIPGIPKDMTYRRLISMMGFKMNYQVNGYPNMFITREEAIRHVR
AWIGFDVEGCHATREAVGTNLPLQLGFSTGVNLVAVPTGYVDTPNNTDFSRVSAKPPPGDQFKHLIPLMYKGLPWNVVRI
KIVQMLSDTLKNLSDRVVFVLWAHGFELTSMKYFVKIGPERTCCLCDRRATCFSTASDTYACWHHSIGFDYVYNPFMIDV
QQWGFTGNLQSNHDLYCQVHGNAHVASCDAIMTRCLAVHECFVKRVDWTIEYPIIGDELKINAACRKVQHMVVKAALLAD
KFPVLHDIGNPKAIKCVPQADVEWKFYDAQPCSDKAYKIEELFYSYATHSDKFTDGVCLFWNCNVDRYPANSIVCRFDTR
VLSNLNLPGCDGGSLYVNKHAFHTPAFDKSAFVNLKQLPFFYYSDSPCESHGKQVVSDIDYVPLKSATCITRCNLGGAVC
RHHANEYRLYLDAYNMMISAGFSLWVYKQFDTYNLWNTFTRLQ
;
_entity_poly.pdbx_strand_id   D
#
loop_
_chem_comp.id
_chem_comp.type
_chem_comp.name
_chem_comp.formula
LMW non-polymer 2-[(4-aminophenyl)(ethyl)amino]ethan-1-ol 'C10 H16 N2 O'
PO4 non-polymer 'PHOSPHATE ION' 'O4 P -3'
ZN non-polymer 'ZINC ION' 'Zn 2'
#
# COMPACT_ATOMS: atom_id res chain seq x y z
N PRO A 20 -1.12 3.10 27.96
CA PRO A 20 -2.01 2.43 26.99
C PRO A 20 -1.43 2.40 25.57
N THR A 21 -0.40 1.57 25.35
CA THR A 21 0.20 1.44 24.02
C THR A 21 0.03 0.00 23.50
N HIS A 22 0.13 -1.01 24.39
CA HIS A 22 -0.07 -2.41 24.00
C HIS A 22 -1.42 -2.95 24.51
N LEU A 23 -1.91 -4.07 23.95
CA LEU A 23 -3.18 -4.65 24.38
C LEU A 23 -2.94 -5.46 25.65
N SER A 24 -3.64 -5.14 26.77
CA SER A 24 -3.47 -5.89 28.01
C SER A 24 -3.87 -7.34 27.81
N VAL A 25 -3.07 -8.28 28.30
CA VAL A 25 -3.48 -9.70 28.23
C VAL A 25 -4.72 -9.97 29.08
N ASP A 26 -5.00 -9.11 30.05
CA ASP A 26 -6.18 -9.27 30.90
C ASP A 26 -7.47 -8.69 30.28
N THR A 27 -7.38 -8.15 29.04
CA THR A 27 -8.56 -7.66 28.32
C THR A 27 -9.45 -8.86 27.98
N LYS A 28 -10.76 -8.67 27.99
CA LYS A 28 -11.70 -9.71 27.63
C LYS A 28 -11.70 -9.95 26.12
N PHE A 29 -11.83 -11.20 25.73
CA PHE A 29 -11.90 -11.60 24.34
C PHE A 29 -13.29 -12.23 24.17
N LYS A 30 -14.10 -11.74 23.22
CA LYS A 30 -15.44 -12.28 23.00
C LYS A 30 -15.29 -13.59 22.27
N THR A 31 -15.85 -14.66 22.82
CA THR A 31 -15.68 -16.02 22.30
C THR A 31 -16.81 -16.56 21.42
N GLU A 32 -17.89 -15.81 21.21
CA GLU A 32 -19.04 -16.30 20.43
C GLU A 32 -18.68 -16.82 19.00
N GLY A 33 -17.76 -16.14 18.34
CA GLY A 33 -17.27 -16.54 17.02
C GLY A 33 -16.50 -17.85 17.03
N LEU A 34 -15.86 -18.17 18.16
CA LEU A 34 -15.08 -19.40 18.33
C LEU A 34 -15.94 -20.62 18.67
N CYS A 35 -17.18 -20.42 19.15
CA CYS A 35 -17.99 -21.54 19.64
C CYS A 35 -18.50 -22.55 18.56
N VAL A 36 -18.45 -22.28 17.23
CA VAL A 36 -18.90 -23.35 16.29
C VAL A 36 -17.73 -24.34 16.09
N ASP A 37 -16.47 -23.89 16.13
CA ASP A 37 -15.33 -24.84 16.08
C ASP A 37 -15.01 -25.37 17.48
N ILE A 38 -15.22 -24.55 18.53
CA ILE A 38 -14.93 -24.92 19.92
C ILE A 38 -16.19 -24.85 20.81
N PRO A 39 -17.13 -25.80 20.63
CA PRO A 39 -18.37 -25.76 21.43
C PRO A 39 -18.13 -25.92 22.94
N GLY A 40 -18.88 -25.18 23.74
CA GLY A 40 -18.75 -25.17 25.19
C GLY A 40 -17.73 -24.17 25.70
N ILE A 41 -17.10 -23.40 24.78
CA ILE A 41 -16.10 -22.40 25.17
C ILE A 41 -16.70 -21.38 26.16
N PRO A 42 -15.97 -21.05 27.25
CA PRO A 42 -16.48 -20.08 28.21
C PRO A 42 -16.71 -18.71 27.56
N LYS A 43 -17.83 -18.06 27.92
CA LYS A 43 -18.18 -16.73 27.45
C LYS A 43 -17.16 -15.71 28.02
N ASP A 44 -16.77 -15.93 29.27
CA ASP A 44 -15.83 -15.10 30.00
C ASP A 44 -14.42 -15.61 29.73
N MET A 45 -13.60 -14.81 29.04
CA MET A 45 -12.23 -15.21 28.72
C MET A 45 -11.35 -14.02 28.43
N THR A 46 -10.09 -14.09 28.86
CA THR A 46 -9.14 -13.03 28.60
C THR A 46 -8.15 -13.51 27.54
N TYR A 47 -7.37 -12.58 26.98
CA TYR A 47 -6.32 -12.94 26.04
C TYR A 47 -5.30 -13.88 26.74
N ARG A 48 -5.06 -13.68 28.05
CA ARG A 48 -4.14 -14.49 28.84
C ARG A 48 -4.54 -15.97 28.80
N ARG A 49 -5.84 -16.26 29.05
CA ARG A 49 -6.30 -17.65 29.01
C ARG A 49 -6.34 -18.18 27.59
N LEU A 50 -6.78 -17.36 26.62
CA LEU A 50 -6.86 -17.77 25.21
C LEU A 50 -5.48 -18.20 24.71
N ILE A 51 -4.43 -17.41 25.00
CA ILE A 51 -3.06 -17.71 24.55
C ILE A 51 -2.56 -19.03 25.16
N SER A 52 -2.85 -19.24 26.45
CA SER A 52 -2.50 -20.47 27.14
C SER A 52 -3.22 -21.66 26.49
N MET A 53 -4.53 -21.55 26.23
CA MET A 53 -5.30 -22.61 25.56
C MET A 53 -4.85 -22.83 24.10
N MET A 54 -4.27 -21.81 23.48
CA MET A 54 -3.67 -21.91 22.15
C MET A 54 -2.34 -22.75 22.19
N GLY A 55 -1.84 -23.08 23.39
CA GLY A 55 -0.63 -23.86 23.61
C GLY A 55 0.63 -23.03 23.77
N PHE A 56 0.50 -21.72 24.04
CA PHE A 56 1.67 -20.86 24.17
C PHE A 56 1.88 -20.46 25.62
N LYS A 57 3.12 -20.51 26.11
CA LYS A 57 3.41 -20.13 27.50
C LYS A 57 4.15 -18.81 27.54
N MET A 58 3.54 -17.78 28.13
CA MET A 58 4.17 -16.46 28.20
C MET A 58 5.12 -16.31 29.43
N ASN A 59 5.08 -17.25 30.40
CA ASN A 59 5.99 -17.32 31.58
C ASN A 59 6.20 -16.04 32.45
N TYR A 60 5.30 -15.03 32.38
CA TYR A 60 5.46 -13.72 33.07
C TYR A 60 6.73 -13.07 32.52
N GLN A 61 6.72 -12.77 31.21
CA GLN A 61 7.90 -12.25 30.54
C GLN A 61 7.72 -10.81 30.00
N VAL A 62 8.58 -9.88 30.50
CA VAL A 62 8.58 -8.47 30.11
C VAL A 62 9.67 -8.21 29.07
N ASN A 63 9.85 -9.14 28.13
CA ASN A 63 10.92 -9.05 27.15
C ASN A 63 10.45 -8.64 25.74
N GLY A 64 9.72 -7.54 25.67
CA GLY A 64 9.26 -6.96 24.41
C GLY A 64 8.07 -7.59 23.70
N TYR A 65 7.58 -8.75 24.18
CA TYR A 65 6.43 -9.41 23.53
C TYR A 65 5.33 -9.63 24.59
N PRO A 66 4.56 -8.58 24.96
CA PRO A 66 3.58 -8.74 26.05
C PRO A 66 2.30 -9.45 25.68
N ASN A 67 1.95 -9.49 24.39
CA ASN A 67 0.72 -10.14 23.95
C ASN A 67 0.88 -10.53 22.47
N MET A 68 0.40 -11.73 22.07
CA MET A 68 0.39 -12.16 20.66
C MET A 68 -0.61 -11.29 19.84
N PHE A 69 -1.65 -10.79 20.51
CA PHE A 69 -2.69 -9.96 19.95
C PHE A 69 -2.39 -8.50 20.15
N ILE A 70 -2.80 -7.67 19.18
CA ILE A 70 -2.51 -6.24 19.21
C ILE A 70 -3.77 -5.39 19.06
N THR A 71 -3.71 -4.14 19.53
CA THR A 71 -4.83 -3.21 19.39
C THR A 71 -5.02 -2.83 17.90
N ARG A 72 -6.18 -2.24 17.57
CA ARG A 72 -6.47 -1.72 16.24
C ARG A 72 -5.43 -0.63 15.89
N GLU A 73 -5.12 0.25 16.86
CA GLU A 73 -4.13 1.31 16.68
C GLU A 73 -2.74 0.74 16.33
N GLU A 74 -2.31 -0.31 17.04
CA GLU A 74 -1.01 -0.93 16.73
C GLU A 74 -1.08 -1.59 15.34
N ALA A 75 -2.19 -2.26 15.00
CA ALA A 75 -2.35 -2.89 13.68
C ALA A 75 -2.27 -1.88 12.52
N ILE A 76 -2.87 -0.70 12.68
CA ILE A 76 -2.87 0.37 11.67
C ILE A 76 -1.44 0.86 11.45
N ARG A 77 -0.65 1.01 12.54
CA ARG A 77 0.76 1.42 12.38
C ARG A 77 1.58 0.35 11.63
N HIS A 78 1.16 -0.91 11.68
CA HIS A 78 1.85 -2.00 11.03
C HIS A 78 1.03 -2.60 9.89
N VAL A 79 0.27 -1.76 9.16
CA VAL A 79 -0.54 -2.24 8.04
C VAL A 79 0.30 -2.98 6.97
N ARG A 80 1.58 -2.61 6.78
CA ARG A 80 2.43 -3.32 5.82
C ARG A 80 2.66 -4.80 6.20
N ALA A 81 2.52 -5.13 7.50
CA ALA A 81 2.70 -6.50 7.99
C ALA A 81 1.43 -7.35 7.85
N TRP A 82 0.29 -6.77 7.44
CA TRP A 82 -0.97 -7.49 7.42
C TRP A 82 -1.05 -8.64 6.43
N ILE A 83 -1.35 -9.85 6.95
CA ILE A 83 -1.56 -11.05 6.18
C ILE A 83 -2.85 -11.67 6.68
N GLY A 84 -3.89 -11.64 5.87
CA GLY A 84 -5.15 -12.29 6.20
C GLY A 84 -4.92 -13.79 6.31
N PHE A 85 -5.56 -14.43 7.29
CA PHE A 85 -5.34 -15.84 7.53
C PHE A 85 -6.63 -16.51 7.96
N ASP A 86 -6.99 -17.60 7.29
CA ASP A 86 -8.20 -18.34 7.63
C ASP A 86 -7.88 -19.83 7.59
N VAL A 87 -8.53 -20.62 8.45
CA VAL A 87 -8.35 -22.08 8.43
C VAL A 87 -9.70 -22.75 8.39
N GLU A 88 -9.89 -23.66 7.43
CA GLU A 88 -11.15 -24.37 7.29
C GLU A 88 -10.93 -25.87 7.48
N GLY A 89 -11.84 -26.51 8.18
CA GLY A 89 -11.76 -27.96 8.38
C GLY A 89 -12.09 -28.69 7.08
N CYS A 90 -11.12 -29.46 6.55
CA CYS A 90 -11.34 -30.22 5.31
C CYS A 90 -12.26 -31.41 5.56
N HIS A 91 -12.15 -32.04 6.74
CA HIS A 91 -12.98 -33.18 7.10
C HIS A 91 -13.52 -33.00 8.53
N GLY A 98 -9.30 -30.74 13.48
CA GLY A 98 -9.69 -31.28 14.78
C GLY A 98 -8.77 -32.38 15.26
N THR A 99 -7.46 -32.29 14.88
CA THR A 99 -6.35 -33.22 15.19
C THR A 99 -6.51 -34.58 14.45
N ASN A 100 -7.75 -34.95 14.10
CA ASN A 100 -8.05 -36.17 13.37
C ASN A 100 -8.22 -35.89 11.86
N LEU A 101 -8.69 -34.67 11.51
CA LEU A 101 -8.97 -34.25 10.15
C LEU A 101 -7.94 -33.27 9.56
N PRO A 102 -7.84 -33.21 8.22
CA PRO A 102 -6.93 -32.24 7.60
C PRO A 102 -7.49 -30.81 7.61
N LEU A 103 -6.61 -29.81 7.67
CA LEU A 103 -6.99 -28.42 7.69
C LEU A 103 -6.53 -27.72 6.41
N GLN A 104 -7.33 -26.78 5.92
CA GLN A 104 -6.95 -25.98 4.76
C GLN A 104 -6.60 -24.58 5.26
N LEU A 105 -5.35 -24.22 5.12
CA LEU A 105 -4.78 -22.96 5.56
C LEU A 105 -4.81 -22.00 4.38
N GLY A 106 -5.49 -20.86 4.53
CA GLY A 106 -5.59 -19.86 3.48
C GLY A 106 -4.97 -18.57 3.94
N PHE A 107 -4.26 -17.89 3.04
CA PHE A 107 -3.56 -16.63 3.29
C PHE A 107 -4.00 -15.57 2.27
N SER A 108 -3.94 -14.27 2.63
CA SER A 108 -4.37 -13.23 1.69
C SER A 108 -3.42 -13.10 0.45
N THR A 109 -2.29 -13.85 0.46
CA THR A 109 -1.38 -13.95 -0.70
C THR A 109 -2.01 -14.85 -1.81
N GLY A 110 -3.17 -15.48 -1.53
CA GLY A 110 -3.86 -16.39 -2.43
C GLY A 110 -3.45 -17.85 -2.27
N VAL A 111 -2.49 -18.13 -1.38
CA VAL A 111 -2.01 -19.48 -1.15
C VAL A 111 -2.92 -20.31 -0.25
N ASN A 112 -3.23 -21.56 -0.67
CA ASN A 112 -3.96 -22.53 0.14
C ASN A 112 -3.07 -23.73 0.34
N LEU A 113 -2.80 -24.08 1.60
CA LEU A 113 -2.01 -25.25 1.95
C LEU A 113 -2.91 -26.23 2.69
N VAL A 114 -2.77 -27.53 2.44
CA VAL A 114 -3.55 -28.53 3.20
C VAL A 114 -2.61 -29.26 4.13
N ALA A 115 -2.86 -29.14 5.46
CA ALA A 115 -2.05 -29.82 6.46
C ALA A 115 -2.78 -31.04 6.97
N VAL A 116 -2.18 -32.23 6.83
CA VAL A 116 -2.76 -33.46 7.33
C VAL A 116 -2.15 -33.78 8.70
N PRO A 117 -2.95 -34.33 9.61
CA PRO A 117 -2.41 -34.64 10.95
C PRO A 117 -1.57 -35.90 11.01
N THR A 118 -1.65 -36.79 9.97
CA THR A 118 -0.99 -38.10 9.82
C THR A 118 0.09 -38.45 10.86
N PRO A 147 -5.33 -18.15 -5.85
CA PRO A 147 -6.23 -19.31 -5.99
C PRO A 147 -5.45 -20.62 -6.17
N LEU A 148 -4.30 -20.74 -5.49
CA LEU A 148 -3.44 -21.91 -5.62
C LEU A 148 -3.69 -22.93 -4.51
N MET A 149 -4.23 -24.11 -4.85
CA MET A 149 -4.52 -25.17 -3.87
C MET A 149 -3.45 -26.29 -3.91
N TYR A 150 -2.81 -26.56 -2.76
CA TYR A 150 -1.78 -27.61 -2.68
C TYR A 150 -2.34 -28.88 -2.02
N LYS A 151 -1.79 -30.07 -2.37
CA LYS A 151 -2.24 -31.34 -1.81
C LYS A 151 -1.76 -31.55 -0.37
N GLY A 152 -2.52 -32.35 0.39
CA GLY A 152 -2.29 -32.66 1.80
C GLY A 152 -0.90 -33.11 2.20
N LEU A 153 -0.28 -32.39 3.13
CA LEU A 153 1.08 -32.69 3.61
C LEU A 153 1.19 -32.52 5.12
N PRO A 154 2.08 -33.27 5.80
CA PRO A 154 2.21 -33.11 7.25
C PRO A 154 2.77 -31.75 7.66
N TRP A 155 2.49 -31.34 8.90
CA TRP A 155 2.89 -30.06 9.47
C TRP A 155 4.41 -29.74 9.39
N ASN A 156 5.27 -30.76 9.49
CA ASN A 156 6.72 -30.54 9.43
C ASN A 156 7.17 -29.95 8.11
N VAL A 157 6.45 -30.23 7.02
CA VAL A 157 6.80 -29.65 5.72
C VAL A 157 5.94 -28.41 5.42
N VAL A 158 4.67 -28.41 5.86
CA VAL A 158 3.79 -27.24 5.67
C VAL A 158 4.41 -25.99 6.34
N ARG A 159 4.95 -26.13 7.57
CA ARG A 159 5.54 -25.02 8.30
C ARG A 159 6.73 -24.37 7.54
N ILE A 160 7.51 -25.17 6.80
CA ILE A 160 8.61 -24.66 5.97
C ILE A 160 8.09 -23.74 4.86
N LYS A 161 6.98 -24.15 4.22
CA LYS A 161 6.36 -23.37 3.15
C LYS A 161 5.79 -22.08 3.70
N ILE A 162 5.18 -22.12 4.90
CA ILE A 162 4.63 -20.93 5.54
C ILE A 162 5.73 -19.89 5.76
N VAL A 163 6.86 -20.31 6.34
CA VAL A 163 8.00 -19.42 6.57
C VAL A 163 8.52 -18.81 5.25
N GLN A 164 8.73 -19.64 4.21
CA GLN A 164 9.19 -19.16 2.90
C GLN A 164 8.23 -18.09 2.32
N MET A 165 6.93 -18.39 2.29
CA MET A 165 5.91 -17.52 1.72
C MET A 165 5.85 -16.16 2.45
N LEU A 166 5.75 -16.17 3.80
CA LEU A 166 5.73 -14.94 4.60
C LEU A 166 7.03 -14.13 4.40
N SER A 167 8.19 -14.79 4.40
CA SER A 167 9.47 -14.12 4.19
C SER A 167 9.54 -13.45 2.82
N ASP A 168 9.10 -14.12 1.74
CA ASP A 168 9.14 -13.54 0.39
C ASP A 168 8.15 -12.39 0.27
N THR A 169 6.99 -12.49 0.96
CA THR A 169 5.99 -11.44 0.89
C THR A 169 6.37 -10.21 1.69
N LEU A 170 6.91 -10.42 2.91
CA LEU A 170 7.14 -9.32 3.85
C LEU A 170 8.53 -8.74 3.96
N LYS A 171 9.57 -9.40 3.45
CA LYS A 171 10.96 -8.91 3.62
C LYS A 171 11.16 -7.44 3.20
N ASN A 172 10.52 -7.00 2.13
CA ASN A 172 10.66 -5.60 1.68
C ASN A 172 9.50 -4.70 2.12
N LEU A 173 8.69 -5.15 3.09
CA LEU A 173 7.53 -4.40 3.58
C LEU A 173 7.59 -4.04 5.06
N SER A 174 7.92 -5.03 5.92
CA SER A 174 7.81 -4.87 7.36
C SER A 174 8.80 -5.71 8.16
N ASP A 175 9.02 -5.31 9.43
CA ASP A 175 9.87 -6.05 10.36
C ASP A 175 9.08 -7.18 11.10
N ARG A 176 7.81 -7.42 10.75
CA ARG A 176 6.98 -8.41 11.44
C ARG A 176 5.85 -8.93 10.53
N VAL A 177 4.98 -9.78 11.09
CA VAL A 177 3.76 -10.28 10.47
C VAL A 177 2.60 -10.01 11.45
N VAL A 178 1.46 -9.55 10.90
CA VAL A 178 0.19 -9.34 11.64
C VAL A 178 -0.85 -10.21 10.95
N PHE A 179 -1.20 -11.35 11.57
CA PHE A 179 -2.24 -12.21 11.00
C PHE A 179 -3.58 -11.55 11.27
N VAL A 180 -4.29 -11.22 10.20
CA VAL A 180 -5.58 -10.58 10.32
C VAL A 180 -6.62 -11.68 10.20
N LEU A 181 -7.40 -11.89 11.29
CA LEU A 181 -8.35 -12.99 11.37
C LEU A 181 -9.83 -12.57 11.46
N TRP A 182 -10.72 -13.51 11.10
CA TRP A 182 -12.16 -13.43 11.37
C TRP A 182 -12.32 -14.76 12.12
N ALA A 183 -11.85 -14.78 13.38
CA ALA A 183 -11.64 -16.00 14.11
C ALA A 183 -12.88 -16.83 14.43
N HIS A 184 -12.82 -18.10 14.02
CA HIS A 184 -13.87 -19.05 14.33
C HIS A 184 -13.35 -20.28 15.11
N GLY A 185 -12.04 -20.42 15.29
CA GLY A 185 -11.49 -21.51 16.11
C GLY A 185 -10.32 -22.26 15.52
N PHE A 186 -10.49 -22.91 14.36
CA PHE A 186 -9.43 -23.70 13.74
C PHE A 186 -8.14 -22.91 13.45
N GLU A 187 -8.27 -21.63 13.08
CA GLU A 187 -7.08 -20.82 12.78
C GLU A 187 -6.21 -20.63 14.03
N LEU A 188 -6.82 -20.38 15.20
CA LEU A 188 -6.05 -20.20 16.43
C LEU A 188 -5.48 -21.55 16.89
N THR A 189 -6.24 -22.66 16.72
CA THR A 189 -5.73 -23.97 17.14
C THR A 189 -4.58 -24.44 16.20
N SER A 190 -4.50 -23.93 14.95
CA SER A 190 -3.43 -24.33 14.04
C SER A 190 -2.09 -23.66 14.39
N MET A 191 -2.11 -22.54 15.12
CA MET A 191 -0.91 -21.76 15.36
C MET A 191 0.22 -22.50 16.08
N LYS A 192 -0.11 -23.36 17.05
CA LYS A 192 0.91 -24.15 17.75
C LYS A 192 1.75 -25.06 16.81
N TYR A 193 1.23 -25.35 15.61
CA TYR A 193 1.92 -26.20 14.66
C TYR A 193 2.96 -25.49 13.80
N PHE A 194 2.97 -24.14 13.79
CA PHE A 194 3.93 -23.41 12.92
C PHE A 194 4.50 -22.13 13.56
N VAL A 195 4.15 -21.85 14.80
CA VAL A 195 4.55 -20.65 15.52
C VAL A 195 5.28 -21.02 16.82
N LYS A 196 6.36 -20.29 17.10
CA LYS A 196 7.09 -20.36 18.36
C LYS A 196 7.17 -18.95 18.90
N ILE A 197 7.08 -18.81 20.22
CA ILE A 197 7.15 -17.51 20.87
C ILE A 197 8.26 -17.49 21.94
N GLY A 198 8.67 -16.31 22.32
CA GLY A 198 9.65 -16.13 23.37
C GLY A 198 10.00 -14.66 23.50
N PRO A 199 11.17 -14.35 24.07
CA PRO A 199 11.59 -12.94 24.15
C PRO A 199 11.89 -12.38 22.76
N GLU A 200 11.87 -11.04 22.62
CA GLU A 200 12.25 -10.41 21.37
C GLU A 200 13.74 -10.67 21.12
N ARG A 201 14.06 -11.09 19.89
CA ARG A 201 15.42 -11.44 19.50
C ARG A 201 15.85 -10.71 18.25
N THR A 202 17.14 -10.76 17.96
CA THR A 202 17.68 -10.19 16.75
C THR A 202 18.07 -11.31 15.78
N CYS A 203 18.15 -11.00 14.50
CA CYS A 203 18.54 -11.94 13.47
C CYS A 203 19.98 -12.39 13.70
N CYS A 204 20.31 -13.64 13.36
CA CYS A 204 21.68 -14.17 13.51
C CYS A 204 22.64 -13.62 12.46
N LEU A 205 22.13 -13.11 11.32
CA LEU A 205 22.99 -12.58 10.26
C LEU A 205 22.94 -11.06 10.11
N CYS A 206 22.03 -10.37 10.81
CA CYS A 206 21.93 -8.91 10.72
C CYS A 206 21.32 -8.29 12.01
N ASP A 207 21.02 -6.98 12.00
CA ASP A 207 20.49 -6.29 13.16
C ASP A 207 18.97 -6.22 13.26
N ARG A 208 18.25 -6.76 12.27
CA ARG A 208 16.78 -6.71 12.29
C ARG A 208 16.18 -7.65 13.35
N ARG A 209 14.95 -7.36 13.85
CA ARG A 209 14.32 -8.27 14.82
C ARG A 209 14.04 -9.62 14.15
N ALA A 210 14.07 -10.69 14.95
CA ALA A 210 13.85 -12.03 14.46
C ALA A 210 12.37 -12.27 14.23
N THR A 211 12.05 -12.86 13.10
CA THR A 211 10.70 -13.21 12.71
C THR A 211 10.54 -14.71 12.48
N CYS A 212 11.66 -15.45 12.42
CA CYS A 212 11.66 -16.88 12.14
C CYS A 212 12.63 -17.60 13.08
N PHE A 213 12.36 -18.88 13.32
CA PHE A 213 13.24 -19.72 14.13
C PHE A 213 13.48 -21.02 13.38
N SER A 214 14.66 -21.61 13.55
CA SER A 214 14.97 -22.89 12.92
C SER A 214 15.24 -23.94 13.99
N THR A 215 14.48 -25.05 14.01
CA THR A 215 14.74 -26.14 14.96
C THR A 215 16.01 -26.91 14.55
N ALA A 216 16.42 -26.88 13.27
CA ALA A 216 17.61 -27.59 12.82
C ALA A 216 18.90 -26.98 13.40
N SER A 217 19.04 -25.66 13.36
CA SER A 217 20.24 -24.99 13.87
C SER A 217 20.05 -24.32 15.24
N ASP A 218 18.80 -24.21 15.75
CA ASP A 218 18.51 -23.51 17.02
C ASP A 218 18.89 -22.01 16.92
N THR A 219 18.65 -21.40 15.74
CA THR A 219 18.98 -20.00 15.46
C THR A 219 17.73 -19.19 15.04
N TYR A 220 17.87 -17.85 15.00
CA TYR A 220 16.79 -16.92 14.68
C TYR A 220 17.18 -16.07 13.49
N ALA A 221 16.18 -15.70 12.67
CA ALA A 221 16.43 -14.90 11.50
C ALA A 221 15.29 -13.93 11.22
N CYS A 222 15.60 -12.86 10.49
CA CYS A 222 14.61 -11.90 10.02
C CYS A 222 13.98 -12.47 8.70
N TRP A 223 13.04 -11.73 8.04
CA TRP A 223 12.47 -12.20 6.78
C TRP A 223 13.54 -12.34 5.65
N HIS A 224 14.66 -11.60 5.71
CA HIS A 224 15.68 -11.63 4.65
C HIS A 224 16.66 -12.82 4.77
N HIS A 225 16.78 -13.41 5.98
CA HIS A 225 17.77 -14.47 6.21
C HIS A 225 17.21 -15.79 6.72
N SER A 226 15.95 -16.05 6.44
CA SER A 226 15.24 -17.20 6.98
C SER A 226 15.20 -18.41 6.04
N ILE A 227 16.02 -18.45 4.97
CA ILE A 227 15.97 -19.59 4.05
C ILE A 227 16.26 -20.91 4.80
N GLY A 228 15.38 -21.89 4.64
CA GLY A 228 15.51 -23.14 5.37
C GLY A 228 14.93 -23.12 6.78
N PHE A 229 14.33 -22.00 7.22
CA PHE A 229 13.74 -21.92 8.57
C PHE A 229 12.36 -22.58 8.61
N ASP A 230 11.97 -23.12 9.77
CA ASP A 230 10.70 -23.88 9.85
C ASP A 230 9.64 -23.28 10.79
N TYR A 231 9.97 -22.33 11.69
CA TYR A 231 8.94 -21.75 12.55
C TYR A 231 8.80 -20.25 12.40
N VAL A 232 7.56 -19.74 12.49
CA VAL A 232 7.27 -18.31 12.51
C VAL A 232 7.48 -17.92 13.97
N TYR A 233 8.33 -16.95 14.22
CA TYR A 233 8.68 -16.54 15.58
C TYR A 233 8.08 -15.20 15.95
N ASN A 234 7.41 -15.13 17.13
CA ASN A 234 6.78 -13.90 17.65
C ASN A 234 5.91 -13.16 16.61
N PRO A 235 4.96 -13.86 15.97
CA PRO A 235 4.04 -13.14 15.07
C PRO A 235 3.03 -12.36 15.91
N PHE A 236 2.30 -11.44 15.27
CA PHE A 236 1.22 -10.71 15.94
C PHE A 236 -0.07 -11.07 15.22
N MET A 237 -1.20 -10.78 15.83
CA MET A 237 -2.48 -11.11 15.26
C MET A 237 -3.58 -10.23 15.80
N ILE A 238 -4.65 -10.11 15.04
CA ILE A 238 -5.81 -9.33 15.44
C ILE A 238 -7.05 -10.01 14.91
N ASP A 239 -8.08 -10.12 15.75
CA ASP A 239 -9.33 -10.73 15.35
C ASP A 239 -10.33 -9.64 15.09
N VAL A 240 -10.64 -9.41 13.80
CA VAL A 240 -11.59 -8.43 13.29
C VAL A 240 -12.97 -8.60 13.95
N GLN A 241 -13.36 -9.83 14.28
CA GLN A 241 -14.62 -10.09 14.98
C GLN A 241 -14.70 -9.40 16.34
N GLN A 242 -13.56 -9.01 16.94
CA GLN A 242 -13.59 -8.32 18.23
C GLN A 242 -14.08 -6.87 18.13
N TRP A 243 -14.16 -6.31 16.91
CA TRP A 243 -14.52 -4.91 16.68
C TRP A 243 -16.02 -4.61 16.73
N GLY A 244 -16.85 -5.63 16.70
CA GLY A 244 -18.29 -5.45 16.79
C GLY A 244 -18.97 -5.48 15.45
N PHE A 245 -19.39 -6.67 15.02
CA PHE A 245 -20.06 -6.82 13.74
C PHE A 245 -21.29 -7.69 13.88
N THR A 246 -22.29 -7.45 13.03
CA THR A 246 -23.48 -8.26 12.96
C THR A 246 -23.34 -9.13 11.73
N GLY A 247 -23.61 -10.41 11.86
CA GLY A 247 -23.54 -11.31 10.70
C GLY A 247 -22.14 -11.77 10.36
N ASN A 248 -22.06 -12.67 9.38
CA ASN A 248 -20.84 -13.32 8.99
C ASN A 248 -19.85 -12.42 8.21
N LEU A 249 -18.66 -12.96 7.96
CA LEU A 249 -17.61 -12.29 7.23
C LEU A 249 -18.09 -11.82 5.83
N GLN A 250 -18.67 -12.74 5.03
CA GLN A 250 -19.08 -12.38 3.68
C GLN A 250 -20.09 -11.23 3.64
N SER A 251 -21.10 -11.25 4.52
CA SER A 251 -22.10 -10.17 4.52
C SER A 251 -21.50 -8.82 4.89
N ASN A 252 -20.53 -8.78 5.81
CA ASN A 252 -19.90 -7.50 6.17
C ASN A 252 -18.94 -7.03 5.07
N HIS A 253 -18.16 -7.96 4.50
CA HIS A 253 -17.22 -7.66 3.42
C HIS A 253 -17.94 -7.11 2.18
N ASP A 254 -18.99 -7.82 1.72
CA ASP A 254 -19.76 -7.47 0.50
C ASP A 254 -20.51 -6.15 0.55
N LEU A 255 -20.72 -5.57 1.74
CA LEU A 255 -21.33 -4.24 1.87
C LEU A 255 -20.45 -3.15 1.23
N TYR A 256 -19.12 -3.36 1.23
CA TYR A 256 -18.18 -2.35 0.75
C TYR A 256 -17.36 -2.77 -0.47
N CYS A 257 -17.36 -4.05 -0.82
CA CYS A 257 -16.49 -4.55 -1.88
C CYS A 257 -17.16 -5.55 -2.80
N GLN A 258 -16.99 -5.34 -4.11
CA GLN A 258 -17.54 -6.25 -5.14
C GLN A 258 -16.44 -6.97 -5.95
N VAL A 259 -15.16 -6.75 -5.61
CA VAL A 259 -14.03 -7.29 -6.33
C VAL A 259 -13.59 -8.68 -5.81
N HIS A 260 -13.76 -8.93 -4.51
CA HIS A 260 -13.39 -10.22 -3.95
C HIS A 260 -14.60 -11.11 -3.80
N GLY A 261 -14.62 -12.20 -4.54
CA GLY A 261 -15.71 -13.16 -4.45
C GLY A 261 -15.45 -14.20 -3.38
N ASN A 262 -16.38 -15.15 -3.22
CA ASN A 262 -16.19 -16.22 -2.25
C ASN A 262 -16.21 -17.55 -2.96
N ALA A 263 -15.06 -17.92 -3.56
CA ALA A 263 -14.94 -19.19 -4.27
C ALA A 263 -14.91 -20.41 -3.33
N HIS A 264 -15.37 -20.24 -2.07
CA HIS A 264 -15.49 -21.21 -0.99
C HIS A 264 -14.16 -21.88 -0.57
N VAL A 265 -13.04 -21.13 -0.63
CA VAL A 265 -11.75 -21.64 -0.16
C VAL A 265 -11.19 -20.71 0.94
N ALA A 266 -10.30 -21.24 1.78
CA ALA A 266 -9.74 -20.48 2.87
C ALA A 266 -9.02 -19.19 2.46
N SER A 267 -8.31 -19.17 1.31
CA SER A 267 -7.61 -17.96 0.87
C SER A 267 -8.60 -16.84 0.53
N CYS A 268 -9.79 -17.17 -0.04
CA CYS A 268 -10.83 -16.17 -0.31
C CYS A 268 -11.31 -15.51 0.98
N ASP A 269 -11.54 -16.31 2.04
CA ASP A 269 -11.93 -15.77 3.35
C ASP A 269 -10.78 -14.89 3.90
N ALA A 270 -9.51 -15.33 3.76
CA ALA A 270 -8.35 -14.57 4.24
C ALA A 270 -8.25 -13.20 3.54
N ILE A 271 -8.50 -13.17 2.22
CA ILE A 271 -8.46 -11.94 1.42
C ILE A 271 -9.62 -11.02 1.84
N MET A 272 -10.83 -11.56 2.00
CA MET A 272 -11.99 -10.78 2.44
C MET A 272 -11.78 -10.17 3.82
N THR A 273 -11.19 -10.96 4.74
CA THR A 273 -10.93 -10.53 6.12
C THR A 273 -9.99 -9.32 6.12
N ARG A 274 -8.87 -9.43 5.37
CA ARG A 274 -7.91 -8.34 5.29
C ARG A 274 -8.57 -7.11 4.61
N CYS A 275 -9.34 -7.33 3.53
CA CYS A 275 -10.04 -6.26 2.82
C CYS A 275 -11.01 -5.49 3.76
N LEU A 276 -11.79 -6.23 4.55
CA LEU A 276 -12.72 -5.64 5.52
C LEU A 276 -11.97 -4.77 6.52
N ALA A 277 -10.82 -5.27 7.02
CA ALA A 277 -10.00 -4.54 7.98
C ALA A 277 -9.44 -3.26 7.35
N VAL A 278 -9.01 -3.32 6.08
CA VAL A 278 -8.51 -2.12 5.39
C VAL A 278 -9.66 -1.11 5.24
N HIS A 279 -10.88 -1.59 4.91
CA HIS A 279 -12.03 -0.69 4.81
C HIS A 279 -12.30 0.03 6.13
N GLU A 280 -12.33 -0.72 7.24
CA GLU A 280 -12.61 -0.16 8.55
C GLU A 280 -11.55 0.81 9.03
N CYS A 281 -10.29 0.55 8.69
CA CYS A 281 -9.19 1.34 9.21
C CYS A 281 -8.71 2.44 8.29
N PHE A 282 -8.95 2.33 6.98
CA PHE A 282 -8.40 3.28 6.00
C PHE A 282 -9.44 3.89 5.07
N VAL A 283 -10.66 3.33 5.04
CA VAL A 283 -11.73 3.88 4.20
C VAL A 283 -12.75 4.63 5.09
N LYS A 284 -13.46 3.91 6.00
CA LYS A 284 -14.44 4.56 6.87
C LYS A 284 -13.80 5.44 7.98
N ARG A 285 -12.50 5.27 8.21
CA ARG A 285 -11.74 6.03 9.18
C ARG A 285 -10.43 6.39 8.49
N VAL A 286 -10.01 7.66 8.57
CA VAL A 286 -8.76 8.09 7.95
C VAL A 286 -7.90 8.82 8.98
N ASP A 287 -6.60 8.53 9.00
CA ASP A 287 -5.69 9.21 9.90
C ASP A 287 -4.41 9.54 9.14
N TRP A 288 -4.31 10.77 8.63
CA TRP A 288 -3.12 11.18 7.89
C TRP A 288 -1.95 11.62 8.79
N THR A 289 -2.12 11.59 10.14
CA THR A 289 -1.04 11.95 11.04
C THR A 289 -0.05 10.78 11.24
N ILE A 290 -0.54 9.54 11.18
CA ILE A 290 0.32 8.37 11.35
C ILE A 290 1.45 8.33 10.31
N GLU A 291 2.69 8.25 10.78
CA GLU A 291 3.88 8.21 9.96
C GLU A 291 4.33 6.75 9.78
N TYR A 292 4.78 6.40 8.58
CA TYR A 292 5.24 5.06 8.26
C TYR A 292 6.70 5.13 7.86
N PRO A 293 7.52 4.13 8.28
CA PRO A 293 8.95 4.17 7.95
C PRO A 293 9.29 4.13 6.45
N ILE A 294 10.50 4.58 6.13
CA ILE A 294 10.99 4.56 4.77
C ILE A 294 11.45 3.15 4.45
N ILE A 295 10.85 2.53 3.43
CA ILE A 295 11.21 1.17 3.04
C ILE A 295 11.72 1.05 1.61
N GLY A 296 11.64 2.12 0.83
CA GLY A 296 12.05 2.10 -0.55
C GLY A 296 12.44 3.46 -1.07
N ASP A 297 11.93 3.81 -2.26
CA ASP A 297 12.25 5.04 -2.97
C ASP A 297 11.29 6.20 -2.67
N GLU A 298 10.70 6.24 -1.46
CA GLU A 298 9.77 7.30 -1.04
C GLU A 298 10.30 8.72 -1.34
N LEU A 299 11.50 9.05 -0.87
CA LEU A 299 12.04 10.39 -1.01
C LEU A 299 12.23 10.82 -2.46
N LYS A 300 12.82 9.94 -3.28
CA LYS A 300 13.07 10.18 -4.69
C LYS A 300 11.76 10.34 -5.44
N ILE A 301 10.74 9.51 -5.11
CA ILE A 301 9.43 9.58 -5.74
C ILE A 301 8.78 10.92 -5.43
N ASN A 302 8.81 11.32 -4.15
CA ASN A 302 8.19 12.57 -3.72
C ASN A 302 8.88 13.79 -4.37
N ALA A 303 10.21 13.76 -4.45
CA ALA A 303 10.96 14.86 -5.07
C ALA A 303 10.67 14.91 -6.58
N ALA A 304 10.56 13.75 -7.21
CA ALA A 304 10.26 13.65 -8.63
C ALA A 304 8.88 14.21 -8.91
N CYS A 305 7.90 13.96 -8.02
CA CYS A 305 6.53 14.44 -8.16
C CYS A 305 6.48 15.96 -8.17
N ARG A 306 7.28 16.59 -7.29
CA ARG A 306 7.30 18.05 -7.23
C ARG A 306 8.00 18.63 -8.48
N LYS A 307 9.04 17.95 -8.98
CA LYS A 307 9.80 18.40 -10.14
C LYS A 307 8.95 18.30 -11.39
N VAL A 308 8.22 17.18 -11.56
CA VAL A 308 7.34 16.94 -12.70
C VAL A 308 6.16 17.90 -12.69
N GLN A 309 5.55 18.12 -11.51
CA GLN A 309 4.42 19.04 -11.40
C GLN A 309 4.83 20.46 -11.83
N HIS A 310 5.97 20.94 -11.33
CA HIS A 310 6.46 22.27 -11.72
C HIS A 310 6.73 22.33 -13.25
N MET A 311 7.37 21.30 -13.81
CA MET A 311 7.69 21.26 -15.24
C MET A 311 6.43 21.33 -16.12
N VAL A 312 5.46 20.46 -15.87
CA VAL A 312 4.26 20.34 -16.67
C VAL A 312 3.36 21.57 -16.61
N VAL A 313 3.12 22.10 -15.40
CA VAL A 313 2.28 23.26 -15.21
C VAL A 313 2.96 24.48 -15.82
N LYS A 314 4.27 24.65 -15.56
CA LYS A 314 4.99 25.79 -16.16
C LYS A 314 4.90 25.78 -17.70
N ALA A 315 5.08 24.60 -18.31
CA ALA A 315 5.02 24.48 -19.77
C ALA A 315 3.60 24.67 -20.31
N ALA A 316 2.56 24.18 -19.61
CA ALA A 316 1.18 24.38 -20.06
C ALA A 316 0.85 25.89 -20.03
N LEU A 317 1.26 26.60 -18.97
CA LEU A 317 1.03 28.05 -18.91
C LEU A 317 1.79 28.79 -20.01
N LEU A 318 3.06 28.43 -20.30
CA LEU A 318 3.82 29.12 -21.36
C LEU A 318 3.24 28.82 -22.73
N ALA A 319 2.84 27.57 -22.96
CA ALA A 319 2.34 27.14 -24.26
C ALA A 319 0.96 27.64 -24.61
N ASP A 320 0.03 27.70 -23.63
CA ASP A 320 -1.34 28.11 -23.94
C ASP A 320 -1.78 29.41 -23.29
N LYS A 321 -0.92 30.02 -22.45
CA LYS A 321 -1.15 31.34 -21.83
C LYS A 321 -2.50 31.48 -21.14
N PHE A 322 -2.90 30.48 -20.33
CA PHE A 322 -4.19 30.56 -19.62
C PHE A 322 -4.19 31.76 -18.68
N PRO A 323 -5.26 32.57 -18.67
CA PRO A 323 -5.29 33.72 -17.74
C PRO A 323 -5.53 33.31 -16.28
N VAL A 324 -6.11 32.12 -16.05
CA VAL A 324 -6.41 31.64 -14.69
C VAL A 324 -6.18 30.14 -14.61
N LEU A 325 -5.63 29.70 -13.47
CA LEU A 325 -5.41 28.31 -13.15
C LEU A 325 -6.25 28.00 -11.88
N HIS A 326 -7.09 26.97 -11.97
CA HIS A 326 -7.96 26.51 -10.88
C HIS A 326 -7.30 25.25 -10.27
N ASP A 327 -6.64 25.41 -9.11
CA ASP A 327 -5.89 24.37 -8.42
C ASP A 327 -6.80 23.63 -7.42
N ILE A 328 -7.26 22.44 -7.81
CA ILE A 328 -8.24 21.67 -7.02
C ILE A 328 -7.61 20.49 -6.31
N GLY A 329 -7.70 20.49 -4.99
CA GLY A 329 -7.13 19.40 -4.22
C GLY A 329 -6.65 19.80 -2.87
N ASN A 330 -5.52 19.23 -2.44
CA ASN A 330 -4.98 19.44 -1.10
C ASN A 330 -5.11 20.87 -0.54
N PRO A 331 -5.88 21.03 0.55
CA PRO A 331 -6.06 22.38 1.12
C PRO A 331 -4.76 23.05 1.60
N LYS A 332 -3.66 22.29 1.74
CA LYS A 332 -2.38 22.88 2.12
C LYS A 332 -1.48 23.16 0.88
N ALA A 333 -2.05 23.17 -0.34
CA ALA A 333 -1.25 23.40 -1.54
C ALA A 333 -0.69 24.81 -1.65
N ILE A 334 0.51 24.86 -2.21
CA ILE A 334 1.33 26.02 -2.50
C ILE A 334 1.42 26.12 -4.06
N LYS A 335 1.58 27.33 -4.62
CA LYS A 335 1.72 27.49 -6.09
C LYS A 335 2.93 26.69 -6.59
N CYS A 336 2.72 25.72 -7.49
CA CYS A 336 3.85 24.94 -8.01
C CYS A 336 4.71 25.72 -9.01
N VAL A 337 4.20 26.84 -9.58
CA VAL A 337 4.98 27.69 -10.50
C VAL A 337 4.82 29.12 -9.98
N PRO A 338 5.51 29.46 -8.87
CA PRO A 338 5.28 30.76 -8.22
C PRO A 338 5.60 32.01 -9.05
N GLN A 339 6.44 31.88 -10.07
CA GLN A 339 6.80 33.04 -10.88
C GLN A 339 5.87 33.28 -12.08
N ALA A 340 4.96 32.33 -12.39
CA ALA A 340 4.03 32.48 -13.52
C ALA A 340 3.08 33.67 -13.32
N ASP A 341 2.71 34.37 -14.42
CA ASP A 341 1.84 35.55 -14.32
C ASP A 341 0.41 35.24 -13.85
N VAL A 342 -0.14 34.14 -14.36
CA VAL A 342 -1.47 33.60 -14.15
C VAL A 342 -2.16 33.94 -12.80
N GLU A 343 -3.48 34.08 -12.84
CA GLU A 343 -4.27 34.28 -11.62
C GLU A 343 -4.44 32.87 -11.04
N TRP A 344 -3.90 32.63 -9.84
CA TRP A 344 -3.94 31.30 -9.22
C TRP A 344 -5.08 31.21 -8.20
N LYS A 345 -6.04 30.32 -8.43
CA LYS A 345 -7.17 30.14 -7.50
C LYS A 345 -7.17 28.72 -6.91
N PHE A 346 -7.30 28.59 -5.59
CA PHE A 346 -7.28 27.28 -4.93
C PHE A 346 -8.67 26.81 -4.47
N TYR A 347 -8.94 25.52 -4.55
CA TYR A 347 -10.19 24.92 -4.12
C TYR A 347 -9.81 23.73 -3.24
N ASP A 348 -10.38 23.67 -2.03
CA ASP A 348 -10.04 22.66 -1.04
C ASP A 348 -10.77 21.35 -1.22
N ALA A 349 -10.01 20.28 -1.32
CA ALA A 349 -10.55 18.94 -1.37
C ALA A 349 -9.54 17.99 -0.79
N GLN A 350 -9.85 17.38 0.34
CA GLN A 350 -8.95 16.38 0.94
C GLN A 350 -8.88 15.14 0.04
N PRO A 351 -7.86 14.26 0.18
CA PRO A 351 -7.80 13.06 -0.67
C PRO A 351 -9.03 12.16 -0.41
N CYS A 352 -9.67 11.66 -1.48
CA CYS A 352 -10.83 10.80 -1.32
C CYS A 352 -10.33 9.37 -1.16
N SER A 353 -10.80 8.68 -0.14
CA SER A 353 -10.35 7.32 0.14
C SER A 353 -11.37 6.24 -0.24
N ASP A 354 -12.64 6.62 -0.43
CA ASP A 354 -13.69 5.67 -0.74
C ASP A 354 -13.99 5.65 -2.25
N LYS A 355 -14.80 6.59 -2.74
CA LYS A 355 -15.12 6.69 -4.15
C LYS A 355 -14.48 7.96 -4.68
N ALA A 356 -14.19 7.99 -6.00
CA ALA A 356 -13.66 9.19 -6.63
C ALA A 356 -14.70 10.31 -6.49
N TYR A 357 -14.23 11.56 -6.34
CA TYR A 357 -15.14 12.70 -6.23
C TYR A 357 -15.99 12.85 -7.50
N LYS A 358 -17.26 13.23 -7.36
CA LYS A 358 -18.08 13.51 -8.54
C LYS A 358 -17.73 14.94 -8.95
N ILE A 359 -17.37 15.19 -10.22
CA ILE A 359 -17.07 16.54 -10.68
C ILE A 359 -18.25 17.52 -10.42
N GLU A 360 -19.47 17.00 -10.48
CA GLU A 360 -20.67 17.81 -10.26
C GLU A 360 -20.70 18.32 -8.80
N GLU A 361 -20.22 17.52 -7.83
CA GLU A 361 -20.16 17.97 -6.43
C GLU A 361 -18.97 18.90 -6.18
N LEU A 362 -17.78 18.61 -6.74
CA LEU A 362 -16.59 19.47 -6.59
C LEU A 362 -16.85 20.86 -7.16
N PHE A 363 -17.56 20.92 -8.28
CA PHE A 363 -17.89 22.20 -8.90
C PHE A 363 -19.20 22.80 -8.44
N TYR A 364 -19.87 22.19 -7.43
CA TYR A 364 -21.15 22.68 -6.88
C TYR A 364 -22.19 22.95 -7.99
N SER A 365 -22.21 22.07 -9.00
CA SER A 365 -23.00 22.07 -10.23
C SER A 365 -22.85 23.36 -11.07
N TYR A 366 -21.68 24.02 -11.01
CA TYR A 366 -21.41 25.23 -11.79
C TYR A 366 -21.25 24.88 -13.27
N ASP A 375 -13.10 28.12 -18.48
CA ASP A 375 -12.16 29.23 -18.56
C ASP A 375 -10.87 28.89 -17.84
N GLY A 376 -9.75 29.22 -18.46
CA GLY A 376 -8.44 28.90 -17.92
C GLY A 376 -8.20 27.39 -17.94
N VAL A 377 -7.40 26.92 -17.00
CA VAL A 377 -7.07 25.50 -16.92
C VAL A 377 -7.27 24.99 -15.49
N CYS A 378 -7.65 23.72 -15.34
CA CYS A 378 -7.85 23.11 -14.02
C CYS A 378 -6.72 22.17 -13.74
N LEU A 379 -6.18 22.24 -12.55
CA LEU A 379 -5.08 21.40 -12.15
C LEU A 379 -5.61 20.42 -11.07
N PHE A 380 -5.57 19.11 -11.38
CA PHE A 380 -6.00 18.07 -10.45
C PHE A 380 -4.79 17.20 -10.17
N TRP A 381 -3.93 17.64 -9.24
CA TRP A 381 -2.73 16.90 -8.92
C TRP A 381 -3.01 15.97 -7.75
N ASN A 382 -3.25 14.70 -8.06
CA ASN A 382 -3.65 13.64 -7.14
C ASN A 382 -4.99 13.92 -6.49
N CYS A 383 -5.92 14.52 -7.24
CA CYS A 383 -7.28 14.76 -6.77
C CYS A 383 -8.17 13.88 -7.67
N ASN A 384 -8.56 12.73 -7.15
CA ASN A 384 -9.28 11.68 -7.87
C ASN A 384 -10.74 12.03 -8.15
N VAL A 385 -11.08 12.20 -9.43
CA VAL A 385 -12.46 12.56 -9.79
C VAL A 385 -13.03 11.54 -10.80
N ASP A 386 -14.37 11.44 -10.88
CA ASP A 386 -15.02 10.52 -11.79
C ASP A 386 -14.76 10.87 -13.27
N ARG A 387 -14.74 12.16 -13.63
CA ARG A 387 -14.54 12.58 -15.01
C ARG A 387 -13.97 13.97 -15.05
N TYR A 388 -12.71 14.07 -15.47
CA TYR A 388 -12.04 15.35 -15.56
C TYR A 388 -12.58 16.23 -16.68
N PRO A 389 -12.68 17.53 -16.42
CA PRO A 389 -13.07 18.47 -17.48
C PRO A 389 -12.00 18.50 -18.59
N ALA A 390 -12.41 18.81 -19.81
CA ALA A 390 -11.48 18.87 -20.96
C ALA A 390 -10.31 19.84 -20.75
N ASN A 391 -10.51 20.94 -19.98
CA ASN A 391 -9.41 21.91 -19.78
C ASN A 391 -8.58 21.58 -18.53
N SER A 392 -8.04 20.35 -18.43
CA SER A 392 -7.30 19.93 -17.25
C SER A 392 -5.86 19.45 -17.46
N ILE A 393 -5.07 19.53 -16.38
CA ILE A 393 -3.73 18.99 -16.17
C ILE A 393 -3.95 18.03 -14.99
N VAL A 394 -3.70 16.73 -15.20
CA VAL A 394 -4.00 15.72 -14.19
C VAL A 394 -2.85 14.77 -13.87
N CYS A 395 -2.66 14.49 -12.58
CA CYS A 395 -1.82 13.42 -12.08
C CYS A 395 -2.77 12.49 -11.29
N ARG A 396 -2.88 11.24 -11.71
CA ARG A 396 -3.75 10.26 -11.09
C ARG A 396 -2.96 8.99 -10.81
N PHE A 397 -2.95 8.56 -9.54
CA PHE A 397 -2.27 7.33 -9.11
C PHE A 397 -3.02 6.11 -9.67
N ASP A 398 -2.29 5.21 -10.35
CA ASP A 398 -2.84 3.98 -10.91
C ASP A 398 -2.71 2.90 -9.84
N THR A 399 -3.84 2.56 -9.22
CA THR A 399 -3.95 1.59 -8.12
C THR A 399 -3.47 0.18 -8.52
N ARG A 400 -3.44 -0.11 -9.83
CA ARG A 400 -2.99 -1.43 -10.29
C ARG A 400 -1.48 -1.63 -10.19
N VAL A 401 -0.69 -0.56 -10.00
CA VAL A 401 0.77 -0.67 -9.97
C VAL A 401 1.28 -1.63 -8.90
N LEU A 402 2.23 -2.51 -9.27
CA LEU A 402 2.82 -3.42 -8.30
C LEU A 402 4.07 -2.77 -7.74
N SER A 403 4.10 -2.55 -6.41
CA SER A 403 5.24 -1.97 -5.71
C SER A 403 5.21 -2.28 -4.20
N ASN A 404 6.35 -2.12 -3.53
CA ASN A 404 6.41 -2.29 -2.09
C ASN A 404 5.65 -1.18 -1.34
N LEU A 405 5.41 -0.01 -2.00
CA LEU A 405 4.63 1.06 -1.38
C LEU A 405 3.09 0.86 -1.55
N ASN A 406 2.70 0.13 -2.56
CA ASN A 406 1.29 -0.06 -2.90
C ASN A 406 0.75 -1.40 -2.42
N LEU A 407 -0.14 -1.35 -1.44
CA LEU A 407 -0.73 -2.55 -0.87
C LEU A 407 -2.11 -2.79 -1.50
N PRO A 408 -2.55 -4.05 -1.61
CA PRO A 408 -3.91 -4.32 -2.12
C PRO A 408 -4.95 -3.69 -1.19
N GLY A 409 -5.99 -3.10 -1.78
CA GLY A 409 -6.99 -2.40 -1.02
C GLY A 409 -8.40 -2.93 -1.15
N CYS A 410 -9.37 -2.05 -0.92
N CYS A 410 -9.38 -2.04 -0.94
CA CYS A 410 -10.79 -2.37 -0.90
CA CYS A 410 -10.82 -2.35 -0.97
C CYS A 410 -11.54 -1.93 -2.16
C CYS A 410 -11.47 -1.97 -2.25
N ASP A 411 -12.38 -2.83 -2.72
CA ASP A 411 -13.20 -2.59 -3.90
C ASP A 411 -12.42 -2.09 -5.14
N GLY A 412 -11.28 -2.71 -5.41
CA GLY A 412 -10.43 -2.31 -6.54
C GLY A 412 -9.41 -1.24 -6.20
N GLY A 413 -9.65 -0.52 -5.12
CA GLY A 413 -8.74 0.50 -4.64
C GLY A 413 -7.45 -0.12 -4.11
N SER A 414 -6.48 0.73 -3.82
CA SER A 414 -5.20 0.26 -3.27
C SER A 414 -4.82 1.15 -2.12
N LEU A 415 -3.96 0.65 -1.23
CA LEU A 415 -3.51 1.41 -0.09
C LEU A 415 -2.09 1.86 -0.37
N TYR A 416 -1.92 3.13 -0.77
CA TYR A 416 -0.59 3.65 -1.09
C TYR A 416 0.05 4.19 0.15
N VAL A 417 1.16 3.60 0.56
CA VAL A 417 1.82 4.00 1.80
C VAL A 417 3.20 4.58 1.54
N ASN A 418 3.30 5.90 1.68
CA ASN A 418 4.54 6.63 1.44
C ASN A 418 4.47 7.79 2.42
N LYS A 419 5.16 7.64 3.57
CA LYS A 419 5.13 8.53 4.73
C LYS A 419 3.77 8.45 5.45
N HIS A 420 2.67 8.60 4.70
CA HIS A 420 1.33 8.47 5.24
C HIS A 420 0.57 7.40 4.42
N ALA A 421 -0.53 6.88 4.97
CA ALA A 421 -1.31 5.87 4.25
C ALA A 421 -2.49 6.54 3.53
N PHE A 422 -2.65 6.27 2.24
CA PHE A 422 -3.73 6.83 1.44
C PHE A 422 -4.46 5.73 0.71
N HIS A 423 -5.69 5.42 1.15
CA HIS A 423 -6.51 4.46 0.42
C HIS A 423 -6.99 5.20 -0.82
N THR A 424 -6.71 4.67 -1.99
CA THR A 424 -7.01 5.33 -3.26
C THR A 424 -8.05 4.57 -4.03
N PRO A 425 -9.11 5.24 -4.50
CA PRO A 425 -10.16 4.53 -5.26
C PRO A 425 -9.62 3.93 -6.55
N ALA A 426 -10.21 2.81 -7.01
CA ALA A 426 -9.78 2.09 -8.20
C ALA A 426 -9.52 2.98 -9.40
N PHE A 427 -8.36 2.77 -10.06
CA PHE A 427 -8.03 3.48 -11.29
C PHE A 427 -9.10 3.14 -12.35
N ASP A 428 -9.58 4.17 -13.06
CA ASP A 428 -10.63 4.02 -14.05
C ASP A 428 -10.25 4.83 -15.29
N LYS A 429 -9.95 4.15 -16.40
CA LYS A 429 -9.56 4.81 -17.66
C LYS A 429 -10.64 5.76 -18.21
N SER A 430 -11.90 5.51 -17.89
CA SER A 430 -12.99 6.35 -18.38
C SER A 430 -12.99 7.77 -17.77
N ALA A 431 -12.28 7.98 -16.63
CA ALA A 431 -12.17 9.32 -16.04
C ALA A 431 -11.42 10.32 -16.96
N PHE A 432 -10.58 9.79 -17.85
CA PHE A 432 -9.71 10.58 -18.72
C PHE A 432 -10.21 10.72 -20.16
N VAL A 433 -11.49 10.42 -20.42
CA VAL A 433 -12.03 10.49 -21.79
C VAL A 433 -11.90 11.88 -22.47
N ASN A 434 -11.91 12.99 -21.72
CA ASN A 434 -11.78 14.32 -22.33
C ASN A 434 -10.32 14.80 -22.48
N LEU A 435 -9.35 13.97 -22.09
CA LEU A 435 -7.93 14.31 -22.12
C LEU A 435 -7.12 13.28 -22.95
N LYS A 436 -5.81 13.48 -23.04
CA LYS A 436 -4.92 12.53 -23.65
C LYS A 436 -3.78 12.29 -22.66
N GLN A 437 -3.00 11.23 -22.87
CA GLN A 437 -1.81 10.99 -22.05
C GLN A 437 -0.81 12.12 -22.31
N LEU A 438 -0.16 12.60 -21.25
CA LEU A 438 0.83 13.65 -21.39
C LEU A 438 2.16 13.00 -21.82
N PRO A 439 2.70 13.41 -22.97
CA PRO A 439 3.97 12.82 -23.40
C PRO A 439 5.14 13.37 -22.59
N PHE A 440 6.25 12.60 -22.55
CA PHE A 440 7.47 13.06 -21.90
C PHE A 440 8.05 14.23 -22.72
N PHE A 441 8.56 15.23 -22.02
CA PHE A 441 9.30 16.35 -22.59
C PHE A 441 10.07 17.00 -21.41
N TYR A 442 11.15 17.68 -21.72
CA TYR A 442 11.91 18.44 -20.73
C TYR A 442 11.95 19.87 -21.28
N TYR A 443 11.53 20.86 -20.50
CA TYR A 443 11.59 22.25 -20.95
C TYR A 443 12.48 23.06 -19.99
N SER A 444 13.30 23.95 -20.55
CA SER A 444 14.10 24.84 -19.71
C SER A 444 14.44 26.18 -20.38
N ASP A 445 14.21 27.26 -19.65
CA ASP A 445 14.62 28.59 -20.09
C ASP A 445 15.86 29.08 -19.29
N SER A 446 16.50 28.22 -18.48
CA SER A 446 17.65 28.60 -17.68
C SER A 446 18.87 28.84 -18.59
N PRO A 447 19.85 29.65 -18.14
CA PRO A 447 21.01 29.91 -18.99
C PRO A 447 21.78 28.65 -19.36
N CYS A 448 22.41 28.66 -20.53
CA CYS A 448 23.22 27.54 -20.99
C CYS A 448 24.62 27.78 -20.41
N GLU A 449 24.87 27.30 -19.20
CA GLU A 449 26.16 27.51 -18.53
C GLU A 449 26.42 26.31 -17.60
N SER A 450 27.62 25.70 -17.67
CA SER A 450 27.95 24.50 -16.89
C SER A 450 28.04 24.70 -15.32
N HIS A 451 29.20 25.13 -14.76
CA HIS A 451 29.43 25.32 -13.32
C HIS A 451 29.67 24.00 -12.52
N GLY A 452 30.74 24.00 -11.72
CA GLY A 452 31.06 22.87 -10.85
C GLY A 452 32.06 21.88 -11.40
N ILE A 459 30.65 13.28 -13.20
CA ILE A 459 30.41 12.23 -14.20
C ILE A 459 30.83 12.71 -15.58
N ASP A 460 31.41 11.81 -16.40
CA ASP A 460 31.86 12.18 -17.75
C ASP A 460 30.68 12.30 -18.76
N TYR A 461 30.95 12.79 -19.99
CA TYR A 461 29.90 13.15 -20.95
C TYR A 461 29.95 12.56 -22.37
N VAL A 462 28.74 12.28 -22.89
CA VAL A 462 28.40 11.88 -24.27
C VAL A 462 27.34 12.91 -24.69
N PRO A 463 27.52 13.60 -25.82
CA PRO A 463 26.55 14.63 -26.22
C PRO A 463 25.11 14.16 -26.38
N LEU A 464 24.16 14.91 -25.79
CA LEU A 464 22.75 14.53 -25.87
C LEU A 464 22.14 14.94 -27.20
N LYS A 465 21.40 14.04 -27.80
CA LYS A 465 20.59 14.33 -28.99
C LYS A 465 19.19 13.84 -28.62
N SER A 466 18.21 14.75 -28.63
CA SER A 466 16.85 14.39 -28.30
C SER A 466 15.91 15.42 -28.82
N ALA A 467 14.85 14.98 -29.49
CA ALA A 467 13.80 15.86 -29.98
C ALA A 467 12.93 16.42 -28.82
N THR A 468 13.00 15.81 -27.61
CA THR A 468 12.18 16.26 -26.47
C THR A 468 12.94 17.12 -25.45
N CYS A 469 14.12 17.64 -25.82
CA CYS A 469 14.88 18.54 -24.96
C CYS A 469 14.55 19.93 -25.47
N ILE A 470 13.54 20.54 -24.88
CA ILE A 470 13.05 21.85 -25.33
C ILE A 470 13.83 22.96 -24.67
N THR A 471 14.97 23.31 -25.28
CA THR A 471 15.86 24.35 -24.78
C THR A 471 16.37 25.22 -25.95
N ARG A 472 16.85 26.43 -25.62
CA ARG A 472 17.46 27.39 -26.53
C ARG A 472 18.61 26.74 -27.29
N CYS A 473 19.47 25.94 -26.60
CA CYS A 473 20.61 25.25 -27.19
C CYS A 473 20.19 24.18 -28.19
N ASN A 474 19.08 23.48 -27.92
CA ASN A 474 18.56 22.48 -28.87
C ASN A 474 17.93 23.15 -30.08
N LEU A 475 17.28 24.31 -29.87
CA LEU A 475 16.73 25.13 -30.94
C LEU A 475 17.90 25.58 -31.87
N GLY A 476 19.02 25.97 -31.25
CA GLY A 476 20.25 26.37 -31.93
C GLY A 476 21.01 25.24 -32.60
N GLY A 477 20.63 23.99 -32.34
CA GLY A 477 21.21 22.83 -32.99
C GLY A 477 22.19 21.95 -32.22
N ALA A 478 22.50 22.27 -30.97
CA ALA A 478 23.46 21.50 -30.18
C ALA A 478 23.21 21.69 -28.69
N VAL A 479 22.67 20.67 -28.00
CA VAL A 479 22.37 20.76 -26.56
C VAL A 479 23.62 20.99 -25.73
N CYS A 480 23.60 21.98 -24.83
CA CYS A 480 24.76 22.28 -24.00
C CYS A 480 24.93 21.24 -22.87
N ARG A 481 26.13 21.18 -22.27
CA ARG A 481 26.37 20.22 -21.19
C ARG A 481 25.40 20.39 -20.01
N HIS A 482 25.11 21.63 -19.60
CA HIS A 482 24.18 21.90 -18.49
C HIS A 482 22.78 21.33 -18.78
N HIS A 483 22.23 21.64 -19.97
CA HIS A 483 20.89 21.16 -20.28
C HIS A 483 20.87 19.65 -20.56
N ALA A 484 22.00 19.06 -21.03
CA ALA A 484 22.07 17.62 -21.21
C ALA A 484 22.00 16.94 -19.83
N ASN A 485 22.76 17.47 -18.83
CA ASN A 485 22.78 16.92 -17.47
C ASN A 485 21.40 17.02 -16.79
N GLU A 486 20.77 18.20 -16.91
CA GLU A 486 19.46 18.46 -16.33
C GLU A 486 18.37 17.64 -17.01
N TYR A 487 18.49 17.41 -18.32
CA TYR A 487 17.54 16.58 -19.07
C TYR A 487 17.62 15.15 -18.55
N ARG A 488 18.85 14.63 -18.39
CA ARG A 488 19.01 13.24 -17.93
C ARG A 488 18.49 13.06 -16.49
N LEU A 489 18.71 14.06 -15.63
CA LEU A 489 18.19 14.02 -14.25
C LEU A 489 16.67 14.05 -14.23
N TYR A 490 16.06 14.89 -15.10
CA TYR A 490 14.62 15.01 -15.21
C TYR A 490 13.98 13.74 -15.75
N LEU A 491 14.60 13.13 -16.76
CA LEU A 491 14.09 11.89 -17.33
C LEU A 491 14.12 10.76 -16.26
N ASP A 492 15.17 10.70 -15.44
CA ASP A 492 15.24 9.73 -14.34
C ASP A 492 14.12 9.97 -13.34
N ALA A 493 13.88 11.23 -12.96
CA ALA A 493 12.83 11.58 -12.02
C ALA A 493 11.44 11.23 -12.58
N TYR A 494 11.23 11.54 -13.86
CA TYR A 494 9.98 11.25 -14.56
C TYR A 494 9.70 9.73 -14.55
N ASN A 495 10.71 8.91 -14.93
CA ASN A 495 10.61 7.45 -14.95
C ASN A 495 10.35 6.89 -13.55
N MET A 496 10.95 7.50 -12.54
CA MET A 496 10.76 7.11 -11.15
C MET A 496 9.26 7.30 -10.76
N MET A 497 8.70 8.48 -11.08
CA MET A 497 7.32 8.83 -10.78
C MET A 497 6.32 7.91 -11.51
N ILE A 498 6.57 7.62 -12.80
CA ILE A 498 5.71 6.75 -13.61
C ILE A 498 5.76 5.31 -13.08
N SER A 499 6.95 4.79 -12.83
CA SER A 499 7.10 3.43 -12.32
C SER A 499 6.50 3.29 -10.91
N ALA A 500 6.46 4.37 -10.11
CA ALA A 500 5.80 4.36 -8.81
C ALA A 500 4.26 4.20 -8.93
N GLY A 501 3.71 4.42 -10.13
CA GLY A 501 2.27 4.25 -10.38
C GLY A 501 1.53 5.50 -10.83
N PHE A 502 2.18 6.66 -10.83
CA PHE A 502 1.52 7.88 -11.25
C PHE A 502 1.32 7.95 -12.76
N SER A 503 0.18 8.47 -13.18
CA SER A 503 -0.16 8.64 -14.58
C SER A 503 -0.48 10.12 -14.81
N LEU A 504 -0.03 10.65 -15.94
CA LEU A 504 -0.16 12.07 -16.28
C LEU A 504 -1.04 12.27 -17.51
N TRP A 505 -2.00 13.18 -17.40
CA TRP A 505 -2.96 13.47 -18.46
C TRP A 505 -3.07 14.96 -18.67
N VAL A 506 -3.39 15.38 -19.90
CA VAL A 506 -3.45 16.80 -20.23
C VAL A 506 -4.55 17.08 -21.26
N TYR A 507 -4.97 18.34 -21.35
CA TYR A 507 -5.92 18.78 -22.36
C TYR A 507 -5.40 18.46 -23.78
N LYS A 508 -6.29 18.05 -24.68
CA LYS A 508 -5.90 17.59 -26.02
C LYS A 508 -5.14 18.61 -26.88
N GLN A 509 -5.33 19.90 -26.67
CA GLN A 509 -4.64 20.94 -27.44
C GLN A 509 -3.17 21.12 -27.01
N PHE A 510 -2.73 20.49 -25.90
CA PHE A 510 -1.34 20.60 -25.45
C PHE A 510 -0.36 20.16 -26.53
N ASP A 511 0.56 21.05 -26.88
CA ASP A 511 1.54 20.79 -27.95
C ASP A 511 2.83 21.43 -27.56
N THR A 512 3.88 20.62 -27.33
CA THR A 512 5.20 21.17 -26.97
C THR A 512 5.83 22.03 -28.09
N TYR A 513 5.30 21.93 -29.33
CA TYR A 513 5.79 22.77 -30.44
C TYR A 513 5.57 24.26 -30.11
N ASN A 514 4.53 24.56 -29.29
CA ASN A 514 4.24 25.92 -28.85
C ASN A 514 5.30 26.46 -27.85
N LEU A 515 6.18 25.61 -27.31
CA LEU A 515 7.23 26.05 -26.39
C LEU A 515 8.48 26.63 -27.09
N TRP A 516 8.74 26.26 -28.36
CA TRP A 516 9.95 26.75 -29.04
C TRP A 516 9.98 28.28 -29.20
N ASN A 517 8.81 28.94 -29.39
CA ASN A 517 8.78 30.39 -29.56
C ASN A 517 8.99 31.18 -28.26
N THR A 518 9.10 30.52 -27.09
CA THR A 518 9.43 31.22 -25.85
C THR A 518 10.94 31.65 -25.82
N PHE A 519 11.77 31.13 -26.74
CA PHE A 519 13.18 31.50 -26.83
C PHE A 519 13.45 32.53 -27.94
N THR A 520 12.42 33.23 -28.44
CA THR A 520 12.58 34.19 -29.55
C THR A 520 12.70 35.65 -29.09
ZN ZN B . -12.79 -6.96 -0.77
ZN ZN C . 21.56 24.84 -22.91
ZN ZN D . 18.65 -10.79 9.08
P PO4 E . 6.20 -1.90 9.98
O1 PO4 E . 7.62 -2.37 9.49
O2 PO4 E . 5.54 -0.87 8.94
O3 PO4 E . 6.43 -1.15 11.38
O4 PO4 E . 5.20 -3.14 10.08
P PO4 F . 16.87 23.80 -15.04
O1 PO4 F . 18.38 24.15 -15.29
O2 PO4 F . 15.95 24.76 -15.93
O3 PO4 F . 16.56 22.28 -15.41
O4 PO4 F . 16.53 24.03 -13.50
N1 LMW G . -8.31 -23.29 21.57
C4 LMW G . -6.89 -25.33 21.15
C5 LMW G . -9.07 -23.31 22.71
C6 LMW G . -9.46 -22.12 23.37
C7 LMW G . -10.22 -22.15 24.52
C8 LMW G . -10.60 -23.35 25.11
C10 LMW G . -9.51 -24.51 23.29
C1 LMW G . -8.65 -21.25 20.19
C2 LMW G . -7.71 -22.06 21.06
C3 LMW G . -8.08 -24.49 20.76
O1 LMW G . -5.65 -24.63 20.97
N2 LMW G . -11.34 -23.38 26.29
C9 LMW G . -10.24 -24.53 24.47
N1 LMW H . -14.76 26.76 -10.98
C4 LMW H . -14.95 29.12 -11.74
C5 LMW H . -15.28 26.22 -9.84
C6 LMW H . -16.58 26.53 -9.40
C7 LMW H . -17.10 26.03 -8.23
C8 LMW H . -16.34 25.18 -7.41
C10 LMW H . -14.52 25.37 -9.00
C1 LMW H . -13.29 25.25 -12.30
C2 LMW H . -13.39 26.49 -11.44
C3 LMW H . -15.51 27.72 -11.78
O1 LMW H . -15.85 30.03 -11.13
N2 LMW H . -16.88 24.68 -6.25
C9 LMW H . -15.05 24.86 -7.82
#